data_4JLL
#
_entry.id   4JLL
#
_cell.length_a   68.846
_cell.length_b   66.977
_cell.length_c   37.911
_cell.angle_alpha   90.00
_cell.angle_beta   100.27
_cell.angle_gamma   90.00
#
_symmetry.space_group_name_H-M   'C 1 2 1'
#
loop_
_entity.id
_entity.type
_entity.pdbx_description
1 polymer 'Evolved variant of computationally designed serine hydrolase OSH55.4_H1'
2 non-polymer 'ethyl (R)-{10-[(hept-6-yn-1-ylcarbamoyl)oxy]decyl}phosphonofluoridate'
3 non-polymer 'CHLORIDE ION'
4 non-polymer 1,2-ETHANEDIOL
5 non-polymer DI(HYDROXYETHYL)ETHER
6 non-polymer GLYCEROL
7 water water
#
_entity_poly.entity_id   1
_entity_poly.type   'polypeptide(L)'
_entity_poly.pdbx_seq_one_letter_code
;MARIRHVQGDITEFQGDAIVNAANNYLKLGAGVAGAILRKGGPSIQEECDRIGKIRVGEAAVTGAGNLPVRYVIHAAVLG
DEPASLETVRKATKSALEKAVELGLKTVAFTSWGAWVGGLPAEAVHRVMGEEIKKAPDTLEVTGVHGTEKSAEAYRRASL
EHHHHHH
;
_entity_poly.pdbx_strand_id   A
#
# COMPACT_ATOMS: atom_id res chain seq x y z
N ALA A 2 -4.27 -14.33 1.16
CA ALA A 2 -4.34 -13.84 2.53
C ALA A 2 -5.68 -13.18 2.79
N ARG A 3 -6.09 -13.20 4.04
CA ARG A 3 -7.33 -12.56 4.50
C ARG A 3 -7.15 -11.06 4.60
N ILE A 4 -8.20 -10.30 4.31
CA ILE A 4 -8.18 -8.87 4.51
C ILE A 4 -9.34 -8.43 5.39
N ARG A 5 -9.06 -7.50 6.30
CA ARG A 5 -10.10 -6.87 7.11
C ARG A 5 -10.12 -5.39 6.79
N HIS A 6 -11.31 -4.84 6.59
CA HIS A 6 -11.48 -3.44 6.22
C HIS A 6 -11.91 -2.61 7.41
N VAL A 7 -11.17 -1.54 7.67
CA VAL A 7 -11.44 -0.67 8.81
C VAL A 7 -11.35 0.80 8.40
N GLN A 8 -12.04 1.66 9.13
CA GLN A 8 -11.80 3.09 9.00
C GLN A 8 -10.57 3.43 9.82
N GLY A 9 -9.76 4.34 9.31
CA GLY A 9 -8.67 4.85 10.10
C GLY A 9 -7.67 5.67 9.33
N ASP A 10 -6.54 5.90 9.99
CA ASP A 10 -5.40 6.61 9.46
C ASP A 10 -4.30 5.56 9.41
N ILE A 11 -3.82 5.25 8.21
CA ILE A 11 -2.84 4.18 8.07
C ILE A 11 -1.54 4.46 8.84
N THR A 12 -1.23 5.73 9.09
CA THR A 12 -0.05 6.06 9.89
C THR A 12 -0.23 5.80 11.39
N GLU A 13 -1.43 5.38 11.78
CA GLU A 13 -1.67 4.93 13.15
C GLU A 13 -1.78 3.40 13.26
N PHE A 14 -1.65 2.71 12.14
CA PHE A 14 -1.69 1.25 12.13
C PHE A 14 -0.58 0.67 12.99
N GLN A 15 -0.96 -0.22 13.91
CA GLN A 15 0.01 -0.89 14.77
C GLN A 15 0.16 -2.29 14.25
N GLY A 16 1.34 -2.62 13.75
CA GLY A 16 1.54 -3.93 13.17
C GLY A 16 2.93 -3.99 12.59
N ASP A 17 3.13 -4.91 11.66
CA ASP A 17 4.46 -5.13 11.12
C ASP A 17 4.86 -4.12 10.07
N ALA A 18 3.94 -3.79 9.15
CA ALA A 18 4.29 -2.87 8.07
C ALA A 18 3.07 -2.15 7.56
N ILE A 19 3.33 -0.98 6.97
CA ILE A 19 2.34 -0.38 6.10
C ILE A 19 2.87 -0.36 4.68
N VAL A 20 1.98 -0.50 3.72
CA VAL A 20 2.33 -0.32 2.32
C VAL A 20 2.07 1.13 1.97
N ASN A 21 3.04 1.74 1.29
CA ASN A 21 2.94 3.12 0.84
C ASN A 21 2.98 3.14 -0.68
N ALA A 22 1.85 3.42 -1.32
CA ALA A 22 1.85 3.64 -2.76
C ALA A 22 2.84 4.75 -3.07
N ALA A 23 3.61 4.57 -4.13
CA ALA A 23 4.73 5.45 -4.39
C ALA A 23 4.95 5.66 -5.86
N ASN A 24 5.69 6.71 -6.18
CA ASN A 24 6.30 6.79 -7.50
C ASN A 24 7.57 5.94 -7.51
N ASN A 25 8.02 5.53 -8.71
CA ASN A 25 9.17 4.62 -8.75
C ASN A 25 10.48 5.31 -8.39
N TYR A 26 10.46 6.64 -8.38
CA TYR A 26 11.61 7.42 -7.95
C TYR A 26 11.77 7.32 -6.42
N LEU A 27 10.72 6.86 -5.73
CA LEU A 27 10.67 6.79 -4.26
C LEU A 27 10.86 8.15 -3.59
N LYS A 28 10.21 9.16 -4.15
CA LYS A 28 10.24 10.51 -3.56
C LYS A 28 8.86 10.85 -3.04
N LEU A 29 8.77 11.11 -1.74
CA LEU A 29 7.49 11.33 -1.06
C LEU A 29 6.99 12.75 -1.17
N GLY A 30 5.66 12.88 -1.22
CA GLY A 30 5.01 14.16 -1.38
C GLY A 30 3.96 14.41 -0.32
N ALA A 31 2.75 14.72 -0.77
N ALA A 31 2.75 14.74 -0.75
N ALA A 31 2.75 14.75 -0.75
CA ALA A 31 1.63 15.00 0.10
CA ALA A 31 1.64 15.03 0.16
CA ALA A 31 1.64 15.04 0.16
C ALA A 31 0.52 13.95 -0.03
C ALA A 31 0.76 13.79 0.35
C ALA A 31 0.78 13.80 0.39
N GLY A 32 -0.44 13.99 0.86
CA GLY A 32 -1.37 12.88 1.05
C GLY A 32 -0.87 11.95 2.15
N VAL A 33 -1.14 10.65 2.02
CA VAL A 33 -0.65 9.67 2.99
C VAL A 33 0.88 9.75 3.12
N ALA A 34 1.56 9.92 1.99
CA ALA A 34 3.02 10.04 2.00
C ALA A 34 3.51 11.20 2.86
N GLY A 35 2.76 12.30 2.84
CA GLY A 35 3.10 13.45 3.67
C GLY A 35 2.97 13.14 5.14
N ALA A 36 1.94 12.37 5.50
CA ALA A 36 1.78 11.97 6.89
C ALA A 36 2.94 11.05 7.30
N ILE A 37 3.37 10.22 6.38
CA ILE A 37 4.52 9.36 6.63
C ILE A 37 5.80 10.18 6.83
N LEU A 38 6.05 11.16 5.97
CA LEU A 38 7.19 12.06 6.14
C LEU A 38 7.20 12.72 7.51
N ARG A 39 6.05 13.25 7.90
CA ARG A 39 5.98 14.02 9.14
C ARG A 39 6.04 13.12 10.37
N LYS A 40 5.15 12.14 10.41
CA LYS A 40 5.03 11.31 11.59
C LYS A 40 6.14 10.28 11.67
N GLY A 41 6.55 9.73 10.52
CA GLY A 41 7.68 8.81 10.48
C GLY A 41 8.98 9.56 10.73
N GLY A 42 9.12 10.73 10.12
CA GLY A 42 10.30 11.55 10.34
C GLY A 42 11.30 11.38 9.22
N PRO A 43 12.43 12.09 9.31
CA PRO A 43 13.38 12.24 8.20
C PRO A 43 14.01 10.95 7.68
N SER A 44 14.06 9.92 8.51
CA SER A 44 14.77 8.71 8.13
C SER A 44 14.12 7.98 6.96
N ILE A 45 12.83 8.21 6.72
CA ILE A 45 12.14 7.46 5.67
C ILE A 45 12.59 7.93 4.29
N GLN A 46 12.53 9.24 4.03
CA GLN A 46 13.00 9.75 2.75
C GLN A 46 14.52 9.55 2.62
N GLU A 47 15.25 9.65 3.73
CA GLU A 47 16.69 9.39 3.68
C GLU A 47 16.98 7.98 3.18
N GLU A 48 16.25 7.00 3.69
CA GLU A 48 16.46 5.63 3.25
C GLU A 48 15.98 5.42 1.82
N CYS A 49 14.87 6.04 1.44
CA CYS A 49 14.43 6.01 0.05
C CYS A 49 15.50 6.55 -0.88
N ASP A 50 16.18 7.61 -0.46
CA ASP A 50 17.28 8.17 -1.26
C ASP A 50 18.44 7.18 -1.39
N ARG A 51 18.72 6.41 -0.34
CA ARG A 51 19.79 5.41 -0.38
C ARG A 51 19.42 4.25 -1.29
N ILE A 52 18.13 3.94 -1.42
CA ILE A 52 17.68 2.90 -2.33
C ILE A 52 17.78 3.36 -3.78
N GLY A 53 17.38 4.60 -4.03
CA GLY A 53 17.36 5.15 -5.37
C GLY A 53 16.14 4.69 -6.17
N LYS A 54 16.15 4.98 -7.47
CA LYS A 54 15.04 4.67 -8.33
C LYS A 54 14.87 3.18 -8.52
N ILE A 55 13.63 2.72 -8.44
CA ILE A 55 13.30 1.33 -8.78
C ILE A 55 12.42 1.35 -10.02
N ARG A 56 12.01 0.18 -10.50
CA ARG A 56 11.12 0.16 -11.67
C ARG A 56 9.67 0.26 -11.24
N VAL A 57 8.85 0.86 -12.09
CA VAL A 57 7.42 0.83 -11.84
C VAL A 57 6.97 -0.63 -11.76
N GLY A 58 6.17 -0.94 -10.73
CA GLY A 58 5.71 -2.30 -10.51
C GLY A 58 6.51 -3.03 -9.44
N GLU A 59 7.68 -2.53 -9.09
CA GLU A 59 8.49 -3.09 -8.02
C GLU A 59 8.13 -2.47 -6.67
N ALA A 60 8.68 -3.02 -5.59
CA ALA A 60 8.54 -2.45 -4.26
C ALA A 60 9.90 -2.32 -3.58
N ALA A 61 9.99 -1.50 -2.55
CA ALA A 61 11.23 -1.36 -1.77
C ALA A 61 10.91 -1.09 -0.32
N VAL A 62 11.73 -1.61 0.57
CA VAL A 62 11.45 -1.54 1.99
C VAL A 62 12.32 -0.51 2.68
N THR A 63 11.72 0.35 3.51
CA THR A 63 12.49 1.15 4.44
C THR A 63 12.05 0.86 5.87
N GLY A 64 12.82 1.33 6.83
CA GLY A 64 12.31 1.48 8.18
C GLY A 64 11.14 2.46 8.20
N ALA A 65 10.51 2.57 9.37
CA ALA A 65 9.30 3.35 9.51
C ALA A 65 9.46 4.50 10.51
N GLY A 66 10.68 4.81 10.91
CA GLY A 66 10.91 5.94 11.79
C GLY A 66 10.05 5.87 13.04
N ASN A 67 9.32 6.94 13.33
CA ASN A 67 8.47 6.99 14.52
C ASN A 67 7.04 6.49 14.31
N LEU A 68 6.76 5.85 13.18
CA LEU A 68 5.47 5.19 12.99
C LEU A 68 5.40 3.92 13.83
N PRO A 69 4.19 3.47 14.19
CA PRO A 69 4.03 2.27 15.03
C PRO A 69 4.06 0.95 14.26
N VAL A 70 4.84 0.92 13.18
CA VAL A 70 5.13 -0.32 12.47
C VAL A 70 6.63 -0.47 12.34
N ARG A 71 7.08 -1.65 11.94
CA ARG A 71 8.51 -1.91 11.77
C ARG A 71 9.02 -1.40 10.43
N TYR A 72 8.21 -1.53 9.38
CA TYR A 72 8.65 -1.23 8.02
C TYR A 72 7.60 -0.48 7.24
N VAL A 73 8.07 0.30 6.27
CA VAL A 73 7.22 0.85 5.22
C VAL A 73 7.63 0.13 3.94
N ILE A 74 6.65 -0.45 3.24
CA ILE A 74 6.91 -1.12 1.98
C ILE A 74 6.37 -0.20 0.89
N HIS A 75 7.28 0.45 0.17
CA HIS A 75 6.90 1.40 -0.89
C HIS A 75 6.63 0.66 -2.16
N ALA A 76 5.43 0.84 -2.72
CA ALA A 76 4.97 0.07 -3.88
C ALA A 76 4.85 1.02 -5.05
N ALA A 77 5.69 0.84 -6.07
CA ALA A 77 5.78 1.79 -7.18
C ALA A 77 4.68 1.59 -8.19
N VAL A 78 3.64 2.39 -8.09
CA VAL A 78 2.49 2.23 -8.98
CA VAL A 78 2.46 2.25 -8.96
C VAL A 78 2.56 3.09 -10.23
N LEU A 79 3.40 4.13 -10.20
CA LEU A 79 3.57 5.04 -11.33
C LEU A 79 4.89 5.76 -11.19
N GLY A 80 5.19 6.63 -12.14
CA GLY A 80 6.30 7.55 -12.03
C GLY A 80 6.80 7.84 -13.42
N ASP A 81 7.83 7.14 -13.85
CA ASP A 81 8.31 7.30 -15.22
C ASP A 81 7.45 6.56 -16.25
N GLU A 82 6.43 5.87 -15.75
CA GLU A 82 5.34 5.31 -16.57
C GLU A 82 4.04 5.65 -15.85
N PRO A 83 2.93 5.84 -16.58
CA PRO A 83 1.65 6.10 -15.91
C PRO A 83 1.13 4.85 -15.22
N ALA A 84 0.25 5.04 -14.23
CA ALA A 84 -0.43 3.91 -13.62
C ALA A 84 -1.26 3.16 -14.64
N SER A 85 -1.24 1.83 -14.52
CA SER A 85 -2.12 0.98 -15.32
C SER A 85 -2.60 -0.15 -14.43
N LEU A 86 -3.56 -0.94 -14.92
CA LEU A 86 -3.98 -2.09 -14.12
C LEU A 86 -2.82 -3.06 -13.92
N GLU A 87 -1.93 -3.13 -14.92
N GLU A 87 -1.92 -3.14 -14.90
CA GLU A 87 -0.72 -3.93 -14.82
CA GLU A 87 -0.72 -3.97 -14.77
C GLU A 87 0.22 -3.42 -13.73
C GLU A 87 0.29 -3.43 -13.75
N THR A 88 0.48 -2.12 -13.68
CA THR A 88 1.37 -1.58 -12.64
C THR A 88 0.76 -1.77 -11.26
N VAL A 89 -0.56 -1.65 -11.16
CA VAL A 89 -1.23 -1.88 -9.89
C VAL A 89 -1.07 -3.35 -9.47
N ARG A 90 -1.28 -4.28 -10.40
CA ARG A 90 -1.10 -5.70 -10.11
C ARG A 90 0.31 -6.00 -9.64
N LYS A 91 1.28 -5.51 -10.40
CA LYS A 91 2.68 -5.78 -10.12
C LYS A 91 3.10 -5.17 -8.80
N ALA A 92 2.71 -3.91 -8.57
CA ALA A 92 3.12 -3.25 -7.33
C ALA A 92 2.51 -3.92 -6.10
N THR A 93 1.26 -4.37 -6.20
CA THR A 93 0.62 -5.03 -5.09
C THR A 93 1.35 -6.35 -4.80
N LYS A 94 1.57 -7.14 -5.85
CA LYS A 94 2.28 -8.39 -5.71
C LYS A 94 3.68 -8.16 -5.11
N SER A 95 4.40 -7.16 -5.62
CA SER A 95 5.75 -6.89 -5.13
C SER A 95 5.77 -6.50 -3.67
N ALA A 96 4.80 -5.69 -3.25
CA ALA A 96 4.72 -5.28 -1.85
C ALA A 96 4.48 -6.49 -0.96
N LEU A 97 3.55 -7.36 -1.36
CA LEU A 97 3.27 -8.57 -0.60
C LEU A 97 4.49 -9.49 -0.57
N GLU A 98 5.21 -9.60 -1.68
CA GLU A 98 6.43 -10.41 -1.71
C GLU A 98 7.46 -9.90 -0.69
N LYS A 99 7.63 -8.59 -0.60
CA LYS A 99 8.56 -8.04 0.39
C LYS A 99 8.12 -8.41 1.82
N ALA A 100 6.82 -8.33 2.08
CA ALA A 100 6.33 -8.69 3.40
C ALA A 100 6.61 -10.16 3.73
N VAL A 101 6.40 -11.04 2.76
CA VAL A 101 6.70 -12.45 2.94
C VAL A 101 8.19 -12.69 3.18
N GLU A 102 9.03 -12.01 2.38
CA GLU A 102 10.48 -12.16 2.51
C GLU A 102 10.97 -11.74 3.89
N LEU A 103 10.35 -10.71 4.45
CA LEU A 103 10.68 -10.21 5.78
C LEU A 103 10.08 -11.03 6.93
N GLY A 104 9.27 -12.04 6.60
CA GLY A 104 8.64 -12.87 7.62
C GLY A 104 7.58 -12.13 8.42
N LEU A 105 6.90 -11.17 7.80
CA LEU A 105 5.91 -10.37 8.49
C LEU A 105 4.56 -11.06 8.56
N LYS A 106 3.71 -10.56 9.44
CA LYS A 106 2.33 -11.03 9.52
C LYS A 106 1.36 -9.91 9.14
N THR A 107 1.39 -8.83 9.90
CA THR A 107 0.34 -7.80 9.76
C THR A 107 0.78 -6.65 8.87
N VAL A 108 0.02 -6.42 7.80
CA VAL A 108 0.38 -5.43 6.81
C VAL A 108 -0.86 -4.63 6.43
N ALA A 109 -0.73 -3.32 6.36
CA ALA A 109 -1.87 -2.44 6.01
C ALA A 109 -1.69 -1.81 4.63
N PHE A 110 -2.79 -1.66 3.91
CA PHE A 110 -2.85 -0.94 2.65
C PHE A 110 -3.90 0.17 2.76
N THR A 111 -3.75 1.22 1.95
CA THR A 111 -4.87 2.09 1.62
C THR A 111 -5.48 1.60 0.30
N SER A 112 -6.55 2.27 -0.14
CA SER A 112 -7.22 1.87 -1.38
C SER A 112 -6.45 2.27 -2.63
N TRP A 113 -5.42 3.09 -2.46
CA TRP A 113 -4.63 3.64 -3.56
C TRP A 113 -5.43 4.55 -4.48
N GLY A 114 -6.64 4.93 -4.05
CA GLY A 114 -7.52 5.75 -4.87
C GLY A 114 -6.86 6.99 -5.42
N ALA A 115 -6.03 7.64 -4.61
CA ALA A 115 -5.39 8.89 -5.03
C ALA A 115 -4.24 8.68 -6.03
N TRP A 116 -3.96 7.42 -6.37
CA TRP A 116 -2.89 7.08 -7.30
C TRP A 116 -3.43 6.49 -8.61
N VAL A 117 -4.74 6.22 -8.65
CA VAL A 117 -5.32 5.44 -9.75
C VAL A 117 -6.57 6.07 -10.35
N GLY A 118 -6.69 7.39 -10.27
CA GLY A 118 -7.90 8.08 -10.70
C GLY A 118 -8.27 7.94 -12.15
N GLY A 119 -7.31 7.55 -12.99
CA GLY A 119 -7.56 7.39 -14.41
C GLY A 119 -7.92 5.97 -14.79
N LEU A 120 -8.04 5.10 -13.80
CA LEU A 120 -8.33 3.69 -14.04
C LEU A 120 -9.71 3.35 -13.48
N PRO A 121 -10.37 2.33 -14.05
CA PRO A 121 -11.69 1.94 -13.54
C PRO A 121 -11.58 1.42 -12.10
N ALA A 122 -12.35 2.02 -11.19
CA ALA A 122 -12.26 1.68 -9.77
C ALA A 122 -12.54 0.21 -9.48
N GLU A 123 -13.56 -0.34 -10.13
CA GLU A 123 -13.92 -1.74 -9.91
C GLU A 123 -12.77 -2.66 -10.33
N ALA A 124 -12.09 -2.32 -11.42
CA ALA A 124 -10.97 -3.11 -11.89
C ALA A 124 -9.78 -3.01 -10.94
N VAL A 125 -9.49 -1.81 -10.44
CA VAL A 125 -8.42 -1.64 -9.48
C VAL A 125 -8.68 -2.51 -8.25
N HIS A 126 -9.91 -2.47 -7.75
CA HIS A 126 -10.29 -3.27 -6.57
C HIS A 126 -10.08 -4.75 -6.83
N ARG A 127 -10.54 -5.21 -7.99
N ARG A 127 -10.51 -5.21 -7.99
CA ARG A 127 -10.39 -6.61 -8.36
CA ARG A 127 -10.39 -6.62 -8.35
C ARG A 127 -8.93 -7.02 -8.41
C ARG A 127 -8.93 -7.06 -8.45
N VAL A 128 -8.10 -6.25 -9.11
CA VAL A 128 -6.72 -6.65 -9.27
CA VAL A 128 -6.70 -6.58 -9.27
C VAL A 128 -5.98 -6.68 -7.94
N MET A 129 -6.15 -5.65 -7.11
CA MET A 129 -5.50 -5.65 -5.79
C MET A 129 -6.04 -6.78 -4.92
N GLY A 130 -7.36 -6.98 -4.94
CA GLY A 130 -7.98 -8.04 -4.17
C GLY A 130 -7.47 -9.41 -4.58
N GLU A 131 -7.26 -9.60 -5.88
CA GLU A 131 -6.77 -10.88 -6.37
C GLU A 131 -5.35 -11.17 -5.87
N GLU A 132 -4.49 -10.17 -5.94
CA GLU A 132 -3.12 -10.36 -5.47
C GLU A 132 -3.06 -10.59 -3.95
N ILE A 133 -3.89 -9.88 -3.20
CA ILE A 133 -3.94 -10.11 -1.77
C ILE A 133 -4.47 -11.51 -1.45
N LYS A 134 -5.51 -11.94 -2.15
CA LYS A 134 -6.06 -13.28 -1.96
C LYS A 134 -5.01 -14.37 -2.22
N LYS A 135 -4.17 -14.17 -3.24
CA LYS A 135 -3.17 -15.17 -3.60
C LYS A 135 -1.98 -15.23 -2.67
N ALA A 136 -1.76 -14.17 -1.88
CA ALA A 136 -0.66 -14.13 -0.94
C ALA A 136 -0.82 -15.20 0.15
N PRO A 137 0.29 -15.64 0.75
CA PRO A 137 0.20 -16.72 1.75
C PRO A 137 -0.61 -16.32 2.98
N ASP A 138 -1.23 -17.28 3.65
CA ASP A 138 -2.02 -16.99 4.84
C ASP A 138 -1.16 -16.69 6.07
N THR A 139 0.16 -16.66 5.90
CA THR A 139 1.04 -16.12 6.93
C THR A 139 0.88 -14.61 7.05
N LEU A 140 0.28 -13.98 6.04
CA LEU A 140 -0.04 -12.56 6.09
C LEU A 140 -1.49 -12.34 6.49
N GLU A 141 -1.70 -11.31 7.31
CA GLU A 141 -3.03 -10.81 7.63
C GLU A 141 -3.05 -9.35 7.18
N VAL A 142 -3.87 -9.04 6.18
CA VAL A 142 -3.88 -7.71 5.59
C VAL A 142 -5.04 -6.87 6.15
N THR A 143 -4.76 -5.59 6.41
CA THR A 143 -5.78 -4.64 6.80
C THR A 143 -5.91 -3.58 5.72
N GLY A 144 -7.14 -3.37 5.25
CA GLY A 144 -7.45 -2.28 4.36
C GLY A 144 -7.96 -1.11 5.17
N VAL A 145 -7.24 0.02 5.15
CA VAL A 145 -7.58 1.19 5.93
C VAL A 145 -8.23 2.23 5.04
N HIS A 146 -9.42 2.68 5.44
CA HIS A 146 -10.25 3.58 4.64
C HIS A 146 -10.52 4.87 5.38
N GLY A 147 -10.68 5.96 4.62
CA GLY A 147 -10.90 7.26 5.21
C GLY A 147 -12.21 7.41 5.99
N THR A 148 -13.27 6.77 5.52
CA THR A 148 -14.57 6.92 6.19
C THR A 148 -15.16 5.59 6.61
N GLU A 149 -15.97 5.64 7.66
CA GLU A 149 -16.68 4.47 8.12
C GLU A 149 -17.65 3.95 7.06
N LYS A 150 -18.33 4.85 6.36
N LYS A 150 -18.32 4.85 6.35
CA LYS A 150 -19.28 4.46 5.33
CA LYS A 150 -19.29 4.40 5.37
C LYS A 150 -18.60 3.59 4.28
C LYS A 150 -18.61 3.60 4.26
N SER A 151 -17.44 4.05 3.83
CA SER A 151 -16.72 3.34 2.81
C SER A 151 -16.09 2.03 3.39
N ALA A 152 -15.51 2.07 4.60
CA ALA A 152 -14.98 0.83 5.18
C ALA A 152 -16.09 -0.22 5.25
N GLU A 153 -17.28 0.18 5.70
CA GLU A 153 -18.37 -0.78 5.81
C GLU A 153 -18.82 -1.28 4.42
N ALA A 154 -18.77 -0.42 3.41
CA ALA A 154 -19.13 -0.83 2.06
C ALA A 154 -18.18 -1.92 1.54
N TYR A 155 -16.91 -1.80 1.86
CA TYR A 155 -15.93 -2.84 1.48
C TYR A 155 -16.24 -4.15 2.21
N ARG A 156 -16.63 -4.06 3.49
CA ARG A 156 -16.97 -5.25 4.26
C ARG A 156 -18.20 -5.94 3.68
N ARG A 157 -19.20 -5.15 3.32
CA ARG A 157 -20.44 -5.70 2.80
C ARG A 157 -20.18 -6.43 1.48
N ALA A 158 -19.33 -5.84 0.64
CA ALA A 158 -18.99 -6.45 -0.65
C ALA A 158 -18.25 -7.77 -0.46
N SER A 159 -17.49 -7.87 0.63
CA SER A 159 -16.72 -9.08 0.91
C SER A 159 -17.63 -10.27 1.24
N LEU A 160 -18.90 -10.00 1.53
CA LEU A 160 -19.87 -11.06 1.81
C LEU A 160 -20.50 -11.54 0.52
N GLU A 161 -20.58 -10.65 -0.46
CA GLU A 161 -21.39 -10.88 -1.65
C GLU A 161 -20.59 -10.79 -2.94
N HIS A 162 -19.91 -11.88 -3.30
CA HIS A 162 -19.90 -13.10 -2.50
C HIS A 162 -18.48 -13.66 -2.39
#